data_7VNH
#
_entry.id   7VNH
#
_cell.length_a   60.235
_cell.length_b   60.235
_cell.length_c   121.046
_cell.angle_alpha   90.000
_cell.angle_beta   90.000
_cell.angle_gamma   90.000
#
_symmetry.space_group_name_H-M   'P 41 21 2'
#
loop_
_entity.id
_entity.type
_entity.pdbx_description
1 polymer 'Ahr homolog spineless'
2 non-polymer 2-PHENYL-4H-BENZO[H]CHROMEN-4-ONE
3 water water
#
_entity_poly.entity_id   1
_entity_poly.type   'polypeptide(L)'
_entity_poly.pdbx_seq_one_letter_code
;GSIPHKENMFKSKHKLDFSLVSMDQRGKHILGYADAELVNMGGYDLVHYDDLAYVASAHQELLKTGASGMIAYRYQKKDG
EWQWLQTSSRLVYKNSKPDFVICTHRQLMDEEGHDLLGKR
;
_entity_poly.pdbx_strand_id   A,B
#
# COMPACT_ATOMS: atom_id res chain seq x y z
N ASN A 8 23.79 12.21 -3.64
CA ASN A 8 23.40 10.80 -3.62
C ASN A 8 21.94 10.65 -3.18
N MET A 9 21.23 11.76 -3.10
CA MET A 9 19.86 11.78 -2.64
C MET A 9 18.92 12.22 -3.76
N PHE A 10 17.71 11.67 -3.76
CA PHE A 10 16.70 12.03 -4.75
C PHE A 10 15.32 11.90 -4.13
N LYS A 11 14.36 12.59 -4.74
CA LYS A 11 12.99 12.64 -4.26
C LYS A 11 12.06 11.91 -5.22
N SER A 12 10.90 11.52 -4.69
CA SER A 12 9.86 10.90 -5.49
C SER A 12 8.52 11.12 -4.81
N LYS A 13 7.45 11.08 -5.61
CA LYS A 13 6.09 11.26 -5.11
C LYS A 13 5.27 10.02 -5.44
N HIS A 14 4.52 9.55 -4.45
CA HIS A 14 3.72 8.33 -4.57
C HIS A 14 2.29 8.61 -4.16
N LYS A 15 1.39 7.74 -4.61
CA LYS A 15 0.03 7.73 -4.08
C LYS A 15 0.04 7.13 -2.68
N LEU A 16 -1.12 7.09 -2.03
CA LEU A 16 -1.16 6.59 -0.67
C LEU A 16 -0.95 5.08 -0.59
N ASP A 17 -1.07 4.37 -1.70
CA ASP A 17 -0.70 2.96 -1.77
C ASP A 17 0.77 2.77 -2.15
N PHE A 18 1.53 3.86 -2.21
CA PHE A 18 2.95 3.91 -2.55
C PHE A 18 3.24 3.54 -4.00
N SER A 19 2.22 3.44 -4.85
CA SER A 19 2.46 3.38 -6.28
C SER A 19 3.10 4.68 -6.73
N LEU A 20 4.05 4.58 -7.65
CA LEU A 20 4.85 5.75 -8.03
C LEU A 20 4.08 6.67 -8.95
N VAL A 21 4.22 7.97 -8.71
CA VAL A 21 3.62 9.02 -9.52
C VAL A 21 4.68 9.80 -10.29
N SER A 22 5.74 10.21 -9.61
CA SER A 22 6.82 10.96 -10.24
C SER A 22 8.11 10.71 -9.48
N MET A 23 9.23 10.92 -10.16
CA MET A 23 10.53 10.71 -9.55
C MET A 23 11.53 11.65 -10.18
N ASP A 24 12.49 12.08 -9.38
CA ASP A 24 13.60 12.88 -9.87
C ASP A 24 14.31 12.16 -11.00
N GLN A 25 14.91 12.92 -11.92
CA GLN A 25 15.69 12.30 -12.97
C GLN A 25 16.97 11.68 -12.44
N ARG A 26 17.45 12.14 -11.28
CA ARG A 26 18.54 11.47 -10.59
C ARG A 26 18.12 10.04 -10.22
N GLY A 27 16.92 9.90 -9.64
CA GLY A 27 16.45 8.59 -9.23
C GLY A 27 16.14 7.67 -10.38
N LYS A 28 15.72 8.22 -11.52
CA LYS A 28 15.48 7.38 -12.69
C LYS A 28 16.77 6.76 -13.21
N HIS A 29 17.88 7.50 -13.11
CA HIS A 29 19.17 6.95 -13.54
C HIS A 29 19.67 5.87 -12.60
N ILE A 30 19.37 5.98 -11.30
CA ILE A 30 19.81 4.96 -10.36
C ILE A 30 18.99 3.70 -10.51
N LEU A 31 17.66 3.84 -10.51
CA LEU A 31 16.77 2.69 -10.64
C LEU A 31 16.80 2.12 -12.06
N GLY A 32 16.96 2.96 -13.07
CA GLY A 32 17.08 2.51 -14.44
C GLY A 32 15.78 2.14 -15.11
N TYR A 33 14.66 2.64 -14.60
CA TYR A 33 13.37 2.43 -15.23
C TYR A 33 13.03 3.68 -16.03
N ASP A 35 10.57 6.46 -17.91
CA ASP A 35 9.37 7.14 -17.44
C ASP A 35 8.09 6.36 -17.74
N ALA A 36 8.08 5.55 -18.81
CA ALA A 36 6.90 4.76 -19.18
C ALA A 36 6.61 3.61 -18.22
N GLU A 37 7.60 3.19 -17.50
CA GLU A 37 7.46 2.02 -16.68
C GLU A 37 7.25 2.37 -15.23
N LEU A 38 7.16 3.66 -14.98
CA LEU A 38 7.14 4.21 -13.68
C LEU A 38 5.74 4.27 -13.22
N VAL A 39 4.82 4.42 -14.13
CA VAL A 39 3.44 4.44 -13.77
C VAL A 39 2.80 3.07 -13.75
N ASN A 40 3.50 2.04 -14.12
CA ASN A 40 2.91 0.70 -14.09
C ASN A 40 3.30 -0.12 -12.90
N MET A 41 4.13 0.46 -12.11
CA MET A 41 4.82 -0.24 -11.01
C MET A 41 4.16 0.18 -9.70
N GLY A 42 3.34 -0.70 -9.15
CA GLY A 42 2.69 -0.44 -7.88
C GLY A 42 3.65 -0.62 -6.72
N GLY A 43 3.09 -0.51 -5.50
CA GLY A 43 3.90 -0.63 -4.31
C GLY A 43 4.13 -2.07 -3.89
N TYR A 44 5.21 -2.26 -3.11
CA TYR A 44 5.60 -3.53 -2.51
C TYR A 44 5.95 -4.61 -3.51
N ASP A 45 6.06 -4.27 -4.80
CA ASP A 45 6.33 -5.27 -5.82
C ASP A 45 7.82 -5.49 -6.02
N LEU A 46 8.63 -4.43 -5.93
CA LEU A 46 10.07 -4.51 -6.15
C LEU A 46 10.86 -4.29 -4.87
N VAL A 47 10.24 -4.48 -3.71
CA VAL A 47 10.93 -4.45 -2.42
C VAL A 47 11.36 -5.86 -2.03
N HIS A 48 12.54 -5.97 -1.44
CA HIS A 48 13.10 -7.26 -1.05
C HIS A 48 12.17 -7.98 -0.08
N TYR A 49 12.23 -9.31 -0.11
CA TYR A 49 11.33 -10.11 0.72
C TYR A 49 11.58 -9.88 2.20
N ASP A 50 12.84 -9.82 2.61
CA ASP A 50 13.18 -9.63 4.02
C ASP A 50 12.84 -8.24 4.53
N ASP A 51 12.43 -7.32 3.67
CA ASP A 51 12.14 -5.94 4.07
C ASP A 51 10.67 -5.57 3.94
N LEU A 52 9.82 -6.47 3.43
CA LEU A 52 8.43 -6.09 3.15
C LEU A 52 7.66 -5.78 4.41
N ALA A 53 7.85 -6.57 5.47
CA ALA A 53 7.13 -6.31 6.72
C ALA A 53 7.65 -5.05 7.39
N TYR A 54 8.97 -4.88 7.44
CA TYR A 54 9.55 -3.68 8.05
C TYR A 54 9.18 -2.43 7.25
N VAL A 55 9.21 -2.51 5.92
CA VAL A 55 8.86 -1.36 5.09
C VAL A 55 7.38 -1.04 5.22
N ALA A 56 6.53 -2.05 5.37
CA ALA A 56 5.10 -1.81 5.53
C ALA A 56 4.80 -1.13 6.86
N SER A 57 5.62 -1.38 7.88
CA SER A 57 5.43 -0.70 9.16
C SER A 57 5.71 0.79 9.05
N ALA A 58 6.64 1.18 8.18
CA ALA A 58 6.87 2.60 7.93
C ALA A 58 5.69 3.22 7.18
N HIS A 59 5.09 2.45 6.27
CA HIS A 59 3.87 2.91 5.60
C HIS A 59 2.75 3.14 6.61
N GLN A 60 2.59 2.23 7.57
CA GLN A 60 1.60 2.41 8.63
C GLN A 60 1.92 3.64 9.48
N GLU A 61 3.20 3.79 9.86
CA GLU A 61 3.60 4.94 10.65
C GLU A 61 3.39 6.24 9.90
N LEU A 62 3.58 6.23 8.58
CA LEU A 62 3.35 7.43 7.78
C LEU A 62 1.90 7.85 7.82
N LEU A 63 0.99 6.91 7.59
CA LEU A 63 -0.44 7.23 7.59
C LEU A 63 -0.96 7.52 8.99
N LYS A 64 -0.30 6.99 10.03
CA LYS A 64 -0.77 7.19 11.39
C LYS A 64 -0.33 8.54 11.96
N THR A 65 0.91 8.94 11.70
CA THR A 65 1.46 10.15 12.31
C THR A 65 1.73 11.27 11.32
N GLY A 66 1.80 10.98 10.02
CA GLY A 66 2.07 11.99 9.02
C GLY A 66 3.49 12.01 8.50
N ALA A 67 4.42 11.32 9.15
CA ALA A 67 5.80 11.29 8.71
C ALA A 67 6.42 9.95 9.07
N SER A 68 7.39 9.54 8.25
CA SER A 68 8.14 8.30 8.49
C SER A 68 9.63 8.62 8.46
N GLY A 69 10.33 8.25 9.52
CA GLY A 69 11.76 8.49 9.59
C GLY A 69 12.55 7.67 8.58
N MET A 70 13.84 7.96 8.53
CA MET A 70 14.74 7.28 7.60
C MET A 70 14.82 5.79 7.94
N ILE A 71 14.43 4.96 6.98
CA ILE A 71 14.54 3.51 7.11
C ILE A 71 15.34 2.98 5.92
N ALA A 72 16.11 1.93 6.18
CA ALA A 72 16.97 1.33 5.15
C ALA A 72 16.35 0.03 4.66
N TYR A 73 16.34 -0.14 3.34
CA TYR A 73 15.73 -1.31 2.73
C TYR A 73 16.33 -1.52 1.34
N ARG A 74 15.97 -2.65 0.73
CA ARG A 74 16.50 -3.05 -0.56
C ARG A 74 15.43 -2.92 -1.62
N TYR A 75 15.80 -2.31 -2.76
CA TYR A 75 14.89 -2.12 -3.89
C TYR A 75 15.56 -2.67 -5.14
N GLN A 76 14.77 -3.31 -5.99
CA GLN A 76 15.28 -3.93 -7.20
C GLN A 76 15.22 -2.93 -8.35
N LYS A 77 16.31 -2.82 -9.08
CA LYS A 77 16.35 -1.97 -10.26
C LYS A 77 15.92 -2.79 -11.48
N LYS A 78 16.09 -2.22 -12.67
CA LYS A 78 15.63 -2.91 -13.88
C LYS A 78 16.54 -4.09 -14.17
N ASP A 79 17.83 -3.93 -13.96
CA ASP A 79 18.85 -4.96 -14.17
C ASP A 79 18.71 -6.17 -13.25
N GLY A 80 17.74 -6.18 -12.33
CA GLY A 80 17.61 -7.27 -11.39
C GLY A 80 18.43 -7.12 -10.11
N GLU A 81 19.37 -6.18 -10.07
CA GLU A 81 20.23 -5.99 -8.92
C GLU A 81 19.50 -5.24 -7.81
N TRP A 82 19.84 -5.57 -6.58
CA TRP A 82 19.25 -4.97 -5.40
C TRP A 82 20.00 -3.70 -5.03
N GLN A 83 19.25 -2.66 -4.64
CA GLN A 83 19.82 -1.37 -4.30
C GLN A 83 19.42 -1.02 -2.88
N TRP A 84 20.41 -0.75 -2.03
CA TRP A 84 20.14 -0.30 -0.68
C TRP A 84 19.70 1.17 -0.73
N LEU A 85 18.52 1.44 -0.20
CA LEU A 85 17.99 2.79 -0.15
C LEU A 85 17.64 3.13 1.30
N GLN A 86 17.72 4.42 1.64
CA GLN A 86 17.20 4.92 2.89
C GLN A 86 16.27 6.08 2.57
N THR A 87 15.04 6.00 3.05
CA THR A 87 13.97 6.89 2.61
C THR A 87 13.25 7.48 3.80
N SER A 88 13.01 8.79 3.75
CA SER A 88 12.14 9.48 4.68
C SER A 88 10.89 9.92 3.93
N SER A 89 9.73 9.78 4.56
CA SER A 89 8.45 9.99 3.90
C SER A 89 7.64 11.04 4.64
N ARG A 90 6.94 11.87 3.87
CA ARG A 90 6.05 12.89 4.42
C ARG A 90 4.80 12.99 3.55
N LEU A 91 3.70 13.41 4.16
CA LEU A 91 2.40 13.47 3.52
C LEU A 91 2.11 14.87 2.99
N VAL A 92 1.40 14.91 1.87
CA VAL A 92 0.85 16.15 1.33
C VAL A 92 -0.66 16.08 1.51
N TYR A 93 -1.24 17.16 2.01
CA TYR A 93 -2.62 17.20 2.43
C TYR A 93 -3.44 18.02 1.44
N LYS A 94 -4.70 17.61 1.26
CA LYS A 94 -5.69 18.36 0.50
C LYS A 94 -6.86 18.59 1.45
N ASN A 95 -6.86 19.77 2.08
CA ASN A 95 -7.86 20.14 3.10
C ASN A 95 -7.87 19.13 4.24
N SER A 96 -6.73 19.08 4.94
CA SER A 96 -6.53 18.23 6.13
C SER A 96 -6.60 16.74 5.81
N LYS A 97 -6.93 16.38 4.56
CA LYS A 97 -6.98 14.99 4.18
C LYS A 97 -5.68 14.58 3.48
N PRO A 98 -5.13 13.40 3.78
CA PRO A 98 -3.92 12.97 3.08
C PRO A 98 -4.20 12.80 1.59
N ASP A 99 -3.26 13.28 0.76
CA ASP A 99 -3.43 13.28 -0.68
C ASP A 99 -2.36 12.46 -1.38
N PHE A 100 -1.08 12.80 -1.21
CA PHE A 100 0.01 12.08 -1.81
C PHE A 100 1.11 11.85 -0.79
N VAL A 101 2.11 11.07 -1.17
CA VAL A 101 3.28 10.81 -0.34
C VAL A 101 4.50 11.39 -1.04
N ILE A 102 5.30 12.15 -0.29
CA ILE A 102 6.58 12.68 -0.76
C ILE A 102 7.69 11.96 -0.01
N CYS A 103 8.62 11.39 -0.76
CA CYS A 103 9.71 10.60 -0.20
C CYS A 103 11.04 11.27 -0.54
N THR A 104 11.98 11.19 0.39
CA THR A 104 13.34 11.64 0.17
C THR A 104 14.26 10.45 0.35
N HIS A 105 14.94 10.08 -0.72
CA HIS A 105 15.76 8.88 -0.77
C HIS A 105 17.23 9.27 -0.75
N ARG A 106 18.06 8.28 -0.42
CA ARG A 106 19.51 8.46 -0.48
C ARG A 106 20.13 7.14 -0.90
N GLN A 107 20.87 7.15 -1.99
CA GLN A 107 21.50 5.93 -2.47
C GLN A 107 22.60 5.50 -1.50
N LEU A 108 22.58 4.23 -1.12
CA LEU A 108 23.49 3.69 -0.13
C LEU A 108 24.39 2.62 -0.74
N MET A 109 25.61 2.53 -0.22
CA MET A 109 26.45 1.39 -0.56
C MET A 109 26.01 0.19 0.26
N ASP A 110 26.47 -1.00 -0.16
CA ASP A 110 26.03 -2.22 0.51
C ASP A 110 26.44 -2.20 1.97
N GLU A 111 27.66 -1.75 2.27
CA GLU A 111 28.10 -1.69 3.65
C GLU A 111 27.31 -0.67 4.45
N GLU A 112 26.87 0.42 3.81
CA GLU A 112 26.04 1.39 4.52
C GLU A 112 24.68 0.80 4.83
N GLY A 113 24.11 0.03 3.90
CA GLY A 113 22.82 -0.58 4.16
C GLY A 113 22.89 -1.67 5.22
N HIS A 114 23.99 -2.42 5.25
CA HIS A 114 24.16 -3.45 6.27
C HIS A 114 24.29 -2.85 7.66
N ASP A 115 24.96 -1.70 7.76
CA ASP A 115 25.12 -1.05 9.06
C ASP A 115 23.79 -0.52 9.58
N LEU A 116 22.97 0.07 8.69
CA LEU A 116 21.65 0.53 9.11
C LEU A 116 20.70 -0.63 9.31
N LEU A 117 20.89 -1.73 8.59
CA LEU A 117 20.09 -2.92 8.82
C LEU A 117 20.29 -3.46 10.23
N GLY A 118 21.53 -3.42 10.73
CA GLY A 118 21.83 -3.87 12.07
C GLY A 118 21.37 -2.95 13.17
N LYS A 119 20.78 -1.80 12.83
CA LYS A 119 20.23 -0.88 13.82
C LYS A 119 18.77 -1.12 14.12
N ARG A 120 18.08 -1.92 13.31
CA ARG A 120 16.65 -2.20 13.55
C ARG A 120 16.47 -3.57 14.21
N ASN B 8 -24.54 -11.03 1.37
CA ASN B 8 -23.57 -11.79 2.15
C ASN B 8 -22.12 -11.40 1.83
N MET B 9 -21.31 -12.40 1.51
CA MET B 9 -19.88 -12.23 1.32
C MET B 9 -19.52 -12.26 -0.16
N PHE B 10 -18.44 -11.57 -0.51
CA PHE B 10 -17.94 -11.54 -1.88
C PHE B 10 -16.42 -11.46 -1.84
N LYS B 11 -15.80 -11.89 -2.94
CA LYS B 11 -14.36 -12.01 -3.03
C LYS B 11 -13.78 -10.96 -3.97
N SER B 12 -12.49 -10.70 -3.80
CA SER B 12 -11.76 -9.79 -4.66
C SER B 12 -10.29 -10.16 -4.65
N LYS B 13 -9.59 -9.77 -5.71
CA LYS B 13 -8.17 -10.01 -5.86
C LYS B 13 -7.44 -8.68 -5.99
N HIS B 14 -6.36 -8.52 -5.23
CA HIS B 14 -5.61 -7.28 -5.21
C HIS B 14 -4.13 -7.55 -5.40
N LYS B 15 -3.40 -6.53 -5.85
CA LYS B 15 -1.95 -6.57 -5.87
C LYS B 15 -1.41 -6.34 -4.46
N LEU B 16 -0.08 -6.36 -4.32
CA LEU B 16 0.52 -6.21 -3.01
C LEU B 16 0.36 -4.79 -2.46
N ASP B 17 0.07 -3.81 -3.32
CA ASP B 17 -0.31 -2.48 -2.88
C ASP B 17 -1.81 -2.35 -2.69
N PHE B 18 -2.54 -3.45 -2.79
CA PHE B 18 -3.99 -3.55 -2.64
C PHE B 18 -4.75 -2.86 -3.77
N SER B 19 -4.08 -2.52 -4.87
CA SER B 19 -4.78 -2.12 -6.08
C SER B 19 -5.64 -3.27 -6.58
N LEU B 20 -6.84 -2.93 -7.07
CA LEU B 20 -7.81 -3.95 -7.43
C LEU B 20 -7.45 -4.61 -8.75
N VAL B 21 -7.60 -5.93 -8.80
CA VAL B 21 -7.36 -6.73 -10.00
C VAL B 21 -8.66 -7.33 -10.53
N SER B 22 -9.44 -7.95 -9.66
CA SER B 22 -10.70 -8.58 -10.05
C SER B 22 -11.59 -8.62 -8.83
N MET B 23 -12.90 -8.78 -9.07
CA MET B 23 -13.88 -8.81 -8.00
C MET B 23 -15.07 -9.67 -8.42
N ASP B 24 -15.68 -10.32 -7.43
CA ASP B 24 -16.90 -11.08 -7.67
C ASP B 24 -17.98 -10.20 -8.30
N GLN B 25 -18.87 -10.82 -9.07
CA GLN B 25 -19.98 -10.06 -9.61
C GLN B 25 -20.96 -9.65 -8.51
N ARG B 26 -20.94 -10.33 -7.37
CA ARG B 26 -21.64 -9.81 -6.20
C ARG B 26 -21.07 -8.47 -5.78
N GLY B 27 -19.73 -8.38 -5.69
CA GLY B 27 -19.11 -7.15 -5.24
C GLY B 27 -19.25 -5.99 -6.21
N LYS B 28 -19.25 -6.27 -7.52
CA LYS B 28 -19.42 -5.20 -8.50
C LYS B 28 -20.83 -4.61 -8.44
N HIS B 29 -21.84 -5.43 -8.14
CA HIS B 29 -23.19 -4.90 -7.99
C HIS B 29 -23.32 -4.08 -6.72
N ILE B 30 -22.58 -4.45 -5.67
CA ILE B 30 -22.63 -3.71 -4.41
C ILE B 30 -21.90 -2.39 -4.54
N LEU B 31 -20.66 -2.42 -5.05
CA LEU B 31 -19.86 -1.21 -5.16
C LEU B 31 -20.40 -0.27 -6.24
N GLY B 32 -20.90 -0.82 -7.34
CA GLY B 32 -21.49 -0.01 -8.38
C GLY B 32 -20.52 0.70 -9.29
N TYR B 33 -19.30 0.19 -9.42
CA TYR B 33 -18.32 0.78 -10.31
C TYR B 33 -18.29 0.06 -11.65
N ALA B 34 -18.16 0.83 -12.72
CA ALA B 34 -18.06 0.24 -14.04
C ALA B 34 -16.71 -0.43 -14.21
N ASP B 35 -16.64 -1.34 -15.18
CA ASP B 35 -15.41 -2.08 -15.42
C ASP B 35 -14.26 -1.14 -15.80
N ALA B 36 -14.57 -0.01 -16.43
CA ALA B 36 -13.52 0.93 -16.80
C ALA B 36 -12.92 1.62 -15.58
N GLU B 37 -13.68 1.75 -14.49
CA GLU B 37 -13.16 2.34 -13.27
C GLU B 37 -12.80 1.31 -12.21
N LEU B 38 -13.16 0.04 -12.41
CA LEU B 38 -12.62 -1.01 -11.55
C LEU B 38 -11.12 -1.18 -11.78
N VAL B 39 -10.70 -1.31 -13.04
CA VAL B 39 -9.32 -1.01 -13.39
C VAL B 39 -9.08 0.48 -13.12
N ASN B 40 -7.81 0.83 -12.84
CA ASN B 40 -7.31 2.15 -12.52
C ASN B 40 -7.53 2.46 -11.05
N MET B 41 -8.21 1.59 -10.30
CA MET B 41 -8.58 1.84 -8.92
C MET B 41 -7.46 1.32 -8.04
N GLY B 42 -6.59 2.23 -7.59
CA GLY B 42 -5.49 1.85 -6.74
C GLY B 42 -5.91 1.59 -5.30
N GLY B 43 -4.90 1.30 -4.47
CA GLY B 43 -5.14 1.05 -3.08
C GLY B 43 -5.18 2.32 -2.26
N TYR B 44 -5.87 2.26 -1.12
CA TYR B 44 -5.97 3.35 -0.15
C TYR B 44 -6.62 4.59 -0.72
N ASP B 45 -7.21 4.52 -1.90
CA ASP B 45 -7.80 5.71 -2.52
C ASP B 45 -9.26 5.89 -2.11
N LEU B 46 -10.01 4.80 -2.01
CA LEU B 46 -11.43 4.88 -1.66
C LEU B 46 -11.75 4.26 -0.30
N VAL B 47 -10.74 4.11 0.53
CA VAL B 47 -10.96 3.78 1.93
C VAL B 47 -10.94 5.10 2.68
N HIS B 48 -11.82 5.24 3.64
CA HIS B 48 -11.96 6.45 4.33
C HIS B 48 -10.61 6.96 4.87
N TYR B 49 -10.40 8.24 4.85
CA TYR B 49 -9.13 8.78 5.16
C TYR B 49 -8.80 8.54 6.57
N ASP B 50 -9.82 8.57 7.36
CA ASP B 50 -9.66 8.35 8.74
C ASP B 50 -9.50 6.91 9.08
N ASP B 51 -9.71 5.99 8.16
CA ASP B 51 -9.37 4.62 8.31
C ASP B 51 -8.06 4.14 7.69
N LEU B 52 -7.23 5.00 7.17
CA LEU B 52 -6.06 4.59 6.39
C LEU B 52 -5.00 3.97 7.28
N ALA B 53 -4.79 4.52 8.47
CA ALA B 53 -3.79 3.98 9.38
C ALA B 53 -4.22 2.62 9.93
N TYR B 54 -5.48 2.49 10.32
CA TYR B 54 -5.99 1.21 10.80
C TYR B 54 -5.96 0.16 9.70
N VAL B 55 -6.34 0.55 8.49
CA VAL B 55 -6.32 -0.38 7.37
C VAL B 55 -4.89 -0.76 6.99
N ALA B 56 -3.95 0.18 7.13
CA ALA B 56 -2.55 -0.13 6.85
C ALA B 56 -1.95 -1.08 7.87
N SER B 57 -2.47 -1.06 9.11
CA SER B 57 -1.98 -1.97 10.13
C SER B 57 -2.33 -3.42 9.80
N ALA B 58 -3.48 -3.65 9.18
CA ALA B 58 -3.81 -4.98 8.70
C ALA B 58 -2.95 -5.36 7.51
N HIS B 59 -2.64 -4.39 6.64
CA HIS B 59 -1.72 -4.62 5.54
C HIS B 59 -0.35 -5.03 6.05
N GLN B 60 0.13 -4.35 7.11
CA GLN B 60 1.41 -4.72 7.70
C GLN B 60 1.36 -6.13 8.27
N GLU B 61 0.28 -6.46 8.99
CA GLU B 61 0.12 -7.80 9.53
C GLU B 61 0.02 -8.83 8.42
N LEU B 62 -0.59 -8.46 7.29
CA LEU B 62 -0.70 -9.38 6.17
C LEU B 62 0.67 -9.76 5.63
N LEU B 63 1.53 -8.77 5.40
CA LEU B 63 2.87 -9.04 4.91
C LEU B 63 3.76 -9.68 5.99
N LYS B 64 3.42 -9.48 7.27
CA LYS B 64 4.24 -10.01 8.35
C LYS B 64 3.98 -11.50 8.59
N THR B 65 2.72 -11.91 8.56
CA THR B 65 2.35 -13.28 8.89
C THR B 65 1.79 -14.08 7.72
N GLY B 66 1.37 -13.42 6.65
CA GLY B 66 0.78 -14.10 5.51
C GLY B 66 -0.73 -14.05 5.46
N ALA B 67 -1.39 -13.64 6.55
CA ALA B 67 -2.83 -13.55 6.61
C ALA B 67 -3.22 -12.42 7.54
N SER B 68 -4.37 -11.82 7.26
CA SER B 68 -4.92 -10.74 8.07
C SER B 68 -6.35 -11.09 8.47
N GLY B 69 -6.63 -11.04 9.76
CA GLY B 69 -7.95 -11.33 10.26
C GLY B 69 -8.97 -10.29 9.82
N MET B 70 -10.21 -10.49 10.26
CA MET B 70 -11.29 -9.60 9.91
C MET B 70 -11.08 -8.22 10.53
N ILE B 71 -11.22 -7.18 9.71
CA ILE B 71 -11.12 -5.79 10.15
C ILE B 71 -12.28 -5.02 9.57
N ALA B 72 -12.77 -4.04 10.32
CA ALA B 72 -13.90 -3.21 9.92
C ALA B 72 -13.40 -1.84 9.51
N TYR B 73 -13.89 -1.35 8.37
CA TYR B 73 -13.46 -0.06 7.84
C TYR B 73 -14.52 0.47 6.88
N ARG B 74 -14.32 1.68 6.41
CA ARG B 74 -15.27 2.38 5.55
C ARG B 74 -14.73 2.42 4.12
N TYR B 75 -15.59 2.11 3.16
CA TYR B 75 -15.23 2.12 1.75
C TYR B 75 -16.21 2.98 0.97
N GLN B 76 -15.70 3.75 0.01
CA GLN B 76 -16.52 4.66 -0.77
C GLN B 76 -17.04 3.97 -2.03
N LYS B 77 -18.35 4.07 -2.27
CA LYS B 77 -18.95 3.48 -3.46
C LYS B 77 -18.99 4.51 -4.59
N LYS B 78 -19.71 4.20 -5.68
CA LYS B 78 -19.61 5.01 -6.89
C LYS B 78 -20.27 6.38 -6.74
N ASP B 79 -21.53 6.41 -6.31
CA ASP B 79 -22.24 7.66 -6.12
C ASP B 79 -21.72 8.45 -4.93
N GLY B 80 -20.72 7.93 -4.24
CA GLY B 80 -20.15 8.56 -3.06
C GLY B 80 -20.74 8.16 -1.73
N GLU B 81 -21.48 7.06 -1.65
CA GLU B 81 -21.92 6.55 -0.35
C GLU B 81 -20.78 5.82 0.34
N TRP B 82 -20.68 6.03 1.66
CA TRP B 82 -19.72 5.28 2.47
C TRP B 82 -20.39 3.99 2.93
N GLN B 83 -19.67 2.88 2.79
CA GLN B 83 -20.19 1.56 3.15
C GLN B 83 -19.21 0.88 4.10
N TRP B 84 -19.72 0.44 5.25
CA TRP B 84 -18.90 -0.29 6.20
C TRP B 84 -18.64 -1.71 5.71
N LEU B 85 -17.36 -2.10 5.64
CA LEU B 85 -16.97 -3.42 5.19
C LEU B 85 -16.16 -4.14 6.26
N GLN B 86 -16.23 -5.47 6.22
CA GLN B 86 -15.41 -6.34 7.05
C GLN B 86 -14.67 -7.29 6.13
N THR B 87 -13.34 -7.28 6.21
CA THR B 87 -12.50 -7.95 5.22
C THR B 87 -11.43 -8.78 5.91
N SER B 88 -11.24 -10.01 5.45
CA SER B 88 -10.11 -10.84 5.82
C SER B 88 -9.20 -11.02 4.61
N SER B 89 -7.89 -11.00 4.85
CA SER B 89 -6.91 -11.00 3.77
C SER B 89 -5.94 -12.16 3.93
N ARG B 90 -5.52 -12.72 2.80
CA ARG B 90 -4.57 -13.83 2.77
C ARG B 90 -3.61 -13.61 1.61
N LEU B 91 -2.37 -14.08 1.78
CA LEU B 91 -1.31 -13.85 0.81
C LEU B 91 -1.16 -15.05 -0.11
N VAL B 92 -0.93 -14.77 -1.39
CA VAL B 92 -0.60 -15.77 -2.40
C VAL B 92 0.81 -15.52 -2.94
N TYR B 93 1.59 -16.58 -3.04
CA TYR B 93 2.99 -16.49 -3.47
C TYR B 93 3.17 -17.00 -4.89
N LYS B 94 4.07 -16.34 -5.62
CA LYS B 94 4.56 -16.81 -6.91
C LYS B 94 6.07 -16.90 -6.81
N ASN B 95 6.63 -18.01 -7.29
CA ASN B 95 8.03 -18.38 -7.01
C ASN B 95 8.12 -18.51 -5.49
N SER B 96 9.08 -17.86 -4.83
CA SER B 96 9.15 -17.83 -3.38
C SER B 96 8.87 -16.42 -2.83
N LYS B 97 8.10 -15.63 -3.58
CA LYS B 97 7.82 -14.24 -3.26
C LYS B 97 6.31 -14.00 -3.28
N PRO B 98 5.80 -13.21 -2.34
CA PRO B 98 4.37 -12.85 -2.39
C PRO B 98 4.03 -12.12 -3.68
N ASP B 99 2.87 -12.46 -4.25
CA ASP B 99 2.47 -11.94 -5.55
C ASP B 99 1.22 -11.09 -5.47
N PHE B 100 0.10 -11.63 -4.97
CA PHE B 100 -1.13 -10.87 -4.87
C PHE B 100 -1.87 -11.25 -3.60
N VAL B 101 -2.98 -10.57 -3.35
CA VAL B 101 -3.76 -10.69 -2.13
C VAL B 101 -5.18 -11.11 -2.50
N ILE B 102 -5.72 -12.09 -1.77
CA ILE B 102 -7.09 -12.54 -1.94
C ILE B 102 -7.88 -12.09 -0.72
N CYS B 103 -8.99 -11.37 -0.96
CA CYS B 103 -9.78 -10.78 0.11
C CYS B 103 -11.21 -11.31 0.10
N THR B 104 -11.77 -11.44 1.29
CA THR B 104 -13.17 -11.82 1.49
C THR B 104 -13.86 -10.72 2.28
N HIS B 105 -14.85 -10.07 1.66
CA HIS B 105 -15.51 -8.92 2.25
C HIS B 105 -16.92 -9.24 2.67
N ARG B 106 -17.45 -8.41 3.59
CA ARG B 106 -18.85 -8.50 4.00
C ARG B 106 -19.30 -7.09 4.38
N GLN B 107 -20.34 -6.59 3.70
CA GLN B 107 -20.84 -5.25 3.96
C GLN B 107 -21.55 -5.19 5.30
N LEU B 108 -21.26 -4.13 6.06
CA LEU B 108 -21.81 -3.92 7.39
C LEU B 108 -22.73 -2.70 7.38
N MET B 109 -23.77 -2.75 8.22
CA MET B 109 -24.62 -1.59 8.42
C MET B 109 -23.95 -0.59 9.37
N ASP B 110 -24.54 0.61 9.42
CA ASP B 110 -23.96 1.68 10.21
C ASP B 110 -23.88 1.30 11.68
N GLU B 111 -24.91 0.63 12.21
CA GLU B 111 -24.86 0.21 13.60
C GLU B 111 -23.74 -0.78 13.83
N GLU B 112 -23.52 -1.69 12.88
CA GLU B 112 -22.46 -2.68 13.02
C GLU B 112 -21.07 -2.05 12.89
N GLY B 113 -20.91 -1.12 11.95
CA GLY B 113 -19.60 -0.51 11.75
C GLY B 113 -19.18 0.40 12.89
N HIS B 114 -20.11 1.23 13.38
CA HIS B 114 -19.77 2.16 14.46
C HIS B 114 -19.40 1.41 15.74
N ASP B 115 -20.08 0.30 16.01
CA ASP B 115 -19.78 -0.46 17.21
C ASP B 115 -18.40 -1.10 17.14
N LEU B 116 -18.03 -1.65 15.99
CA LEU B 116 -16.71 -2.24 15.85
C LEU B 116 -15.62 -1.17 15.78
N LEU B 117 -15.96 0.02 15.27
CA LEU B 117 -15.01 1.14 15.30
C LEU B 117 -14.64 1.51 16.73
N GLY B 118 -15.63 1.52 17.63
CA GLY B 118 -15.38 1.83 19.02
C GLY B 118 -14.71 0.72 19.81
N LYS B 119 -14.54 -0.45 19.21
CA LYS B 119 -13.95 -1.60 19.90
C LYS B 119 -12.56 -1.95 19.40
N ARG B 120 -12.03 -1.22 18.43
CA ARG B 120 -10.68 -1.49 17.92
C ARG B 120 -9.66 -0.55 18.55
#